data_3IUB
#
_entry.id   3IUB
#
_cell.length_a   48.370
_cell.length_b   70.660
_cell.length_c   81.600
_cell.angle_alpha   90.00
_cell.angle_beta   99.70
_cell.angle_gamma   90.00
#
_symmetry.space_group_name_H-M   'P 1 21 1'
#
loop_
_entity.id
_entity.type
_entity.pdbx_description
1 polymer 'Pantothenate synthetase'
2 non-polymer ETHANOL
3 non-polymer 1,2-ETHANEDIOL
4 non-polymer 5-methoxy-N-[(5-methylpyridin-2-yl)sulfonyl]-1H-indole-2-carboxamide
5 water water
#
_entity_poly.entity_id   1
_entity_poly.type   'polypeptide(L)'
_entity_poly.pdbx_seq_one_letter_code
;MAIPAFHPGELNVYSAPGDVADVSRALRLTGRRVMLVPTMGALHEGHLALVRAAKRVPGSVVVVSIFVNPMQFGAGGDLD
AYPRTPDDDLAQLRAEGVEIAFTPTTAAMYPDGLRTTVQPGPLAAELEGGPRPTHFAGVLTVVLKLLQIVRPDRVFFGEK
DYQQLVLIRQLVADFNLDVAVVGVPTVREADGLAMSSRNRYLDPAQRAAAVALSAALTAAAHAATAGAQAALDAARAVLD
AAPGVAVDYLELRDIGLGPMPLNGSGRLLVAARLGTTRLLDNIAIEIGTFAGTDRPDGYRA
;
_entity_poly.pdbx_strand_id   A,B
#
# COMPACT_ATOMS: atom_id res chain seq x y z
N PRO A 4 -19.79 17.00 -1.57
CA PRO A 4 -20.28 17.60 -2.81
C PRO A 4 -21.61 17.00 -3.26
N ALA A 5 -22.25 17.64 -4.24
CA ALA A 5 -23.49 17.13 -4.82
C ALA A 5 -23.24 15.92 -5.75
N PHE A 6 -24.23 15.04 -5.83
CA PHE A 6 -24.25 13.93 -6.77
C PHE A 6 -25.62 13.84 -7.44
N HIS A 7 -25.64 13.90 -8.76
CA HIS A 7 -26.89 13.79 -9.52
C HIS A 7 -26.97 12.46 -10.27
N PRO A 8 -27.85 11.54 -9.81
CA PRO A 8 -27.96 10.24 -10.46
C PRO A 8 -28.44 10.38 -11.90
N GLY A 9 -28.00 9.46 -12.76
CA GLY A 9 -28.36 9.48 -14.17
C GLY A 9 -27.68 10.58 -14.99
N GLU A 10 -26.73 11.29 -14.36
CA GLU A 10 -25.91 12.27 -15.06
C GLU A 10 -24.44 12.00 -14.75
N LEU A 11 -23.55 12.55 -15.58
CA LEU A 11 -22.12 12.42 -15.31
C LEU A 11 -21.68 13.48 -14.32
N ASN A 12 -21.25 13.03 -13.14
CA ASN A 12 -20.71 13.91 -12.11
C ASN A 12 -19.18 13.82 -12.16
N VAL A 13 -18.52 14.95 -12.32
CA VAL A 13 -17.06 14.99 -12.44
C VAL A 13 -16.48 15.60 -11.17
N TYR A 14 -15.59 14.87 -10.51
CA TYR A 14 -14.90 15.33 -9.33
C TYR A 14 -13.39 15.30 -9.57
N SER A 15 -12.70 16.37 -9.18
CA SER A 15 -11.25 16.41 -9.25
CA SER A 15 -11.26 16.39 -9.25
C SER A 15 -10.61 16.19 -7.89
N ALA A 16 -11.29 16.57 -6.81
CA ALA A 16 -10.71 16.43 -5.47
C ALA A 16 -10.88 15.02 -4.95
N PRO A 17 -9.77 14.37 -4.52
CA PRO A 17 -9.90 13.03 -3.95
C PRO A 17 -10.95 12.97 -2.83
N GLY A 18 -10.99 14.01 -1.99
CA GLY A 18 -11.97 14.04 -0.89
C GLY A 18 -13.42 14.03 -1.33
N ASP A 19 -13.71 14.66 -2.46
CA ASP A 19 -15.08 14.71 -2.97
C ASP A 19 -15.51 13.32 -3.44
N VAL A 20 -14.69 12.68 -4.27
CA VAL A 20 -15.06 11.35 -4.74
C VAL A 20 -15.11 10.37 -3.59
N ALA A 21 -14.21 10.51 -2.61
CA ALA A 21 -14.19 9.64 -1.45
C ALA A 21 -15.50 9.75 -0.64
N ASP A 22 -15.93 10.97 -0.40
CA ASP A 22 -17.16 11.22 0.37
C ASP A 22 -18.40 10.71 -0.37
N VAL A 23 -18.46 10.97 -1.67
CA VAL A 23 -19.59 10.54 -2.48
C VAL A 23 -19.66 9.02 -2.56
N SER A 24 -18.50 8.39 -2.78
CA SER A 24 -18.42 6.94 -2.84
C SER A 24 -18.89 6.29 -1.54
N ARG A 25 -18.40 6.79 -0.41
CA ARG A 25 -18.75 6.22 0.89
C ARG A 25 -20.23 6.38 1.18
N ALA A 26 -20.77 7.55 0.86
CA ALA A 26 -22.19 7.84 1.02
C ALA A 26 -23.04 6.88 0.21
N LEU A 27 -22.66 6.68 -1.06
CA LEU A 27 -23.36 5.74 -1.95
C LEU A 27 -23.30 4.32 -1.42
N ARG A 28 -22.13 3.92 -0.90
CA ARG A 28 -21.95 2.59 -0.38
C ARG A 28 -22.87 2.37 0.83
N LEU A 29 -22.98 3.41 1.67
CA LEU A 29 -23.80 3.35 2.89
C LEU A 29 -25.29 3.35 2.62
N THR A 30 -25.69 3.71 1.40
CA THR A 30 -27.10 3.63 1.02
C THR A 30 -27.40 2.37 0.20
N GLY A 31 -26.42 1.48 0.12
CA GLY A 31 -26.61 0.17 -0.51
C GLY A 31 -26.10 -0.05 -1.91
N ARG A 32 -25.72 1.03 -2.61
CA ARG A 32 -25.18 0.93 -3.96
C ARG A 32 -23.79 0.30 -3.89
N ARG A 33 -23.49 -0.59 -4.82
CA ARG A 33 -22.15 -1.14 -4.93
C ARG A 33 -21.30 -0.29 -5.87
N VAL A 34 -20.10 0.06 -5.44
CA VAL A 34 -19.24 0.98 -6.20
C VAL A 34 -18.25 0.21 -7.07
N MET A 35 -18.29 0.47 -8.38
CA MET A 35 -17.37 -0.15 -9.33
C MET A 35 -16.35 0.88 -9.75
N LEU A 36 -15.08 0.49 -9.81
CA LEU A 36 -14.02 1.39 -10.28
C LEU A 36 -13.38 0.89 -11.57
N VAL A 37 -13.29 1.78 -12.56
CA VAL A 37 -12.58 1.50 -13.81
C VAL A 37 -11.44 2.54 -13.90
N PRO A 38 -10.22 2.16 -13.49
CA PRO A 38 -9.10 3.12 -13.54
C PRO A 38 -8.49 3.16 -14.91
N THR A 39 -8.35 4.37 -15.45
CA THR A 39 -7.81 4.54 -16.78
C THR A 39 -6.82 5.70 -16.82
N MET A 40 -6.02 5.72 -17.88
CA MET A 40 -5.20 6.89 -18.16
C MET A 40 -5.80 7.77 -19.26
N GLY A 41 -7.14 7.73 -19.39
CA GLY A 41 -7.83 8.54 -20.41
C GLY A 41 -7.54 8.04 -21.82
N ALA A 42 -7.75 8.93 -22.80
CA ALA A 42 -7.65 8.57 -24.23
C ALA A 42 -8.49 7.32 -24.48
N LEU A 43 -9.76 7.42 -24.09
CA LEU A 43 -10.63 6.25 -23.99
C LEU A 43 -10.95 5.69 -25.36
N HIS A 44 -10.98 4.37 -25.42
CA HIS A 44 -11.39 3.65 -26.61
C HIS A 44 -12.33 2.51 -26.22
N GLU A 45 -12.74 1.71 -27.20
CA GLU A 45 -13.76 0.68 -26.97
C GLU A 45 -13.35 -0.36 -25.94
N GLY A 46 -12.04 -0.55 -25.79
CA GLY A 46 -11.51 -1.43 -24.74
C GLY A 46 -11.89 -0.91 -23.36
N HIS A 47 -11.65 0.37 -23.13
CA HIS A 47 -12.07 1.01 -21.88
C HIS A 47 -13.58 0.91 -21.71
N LEU A 48 -14.33 1.11 -22.80
CA LEU A 48 -15.79 1.06 -22.73
C LEU A 48 -16.34 -0.33 -22.40
N ALA A 49 -15.63 -1.37 -22.86
CA ALA A 49 -15.95 -2.75 -22.44
C ALA A 49 -15.80 -2.91 -20.94
N LEU A 50 -14.81 -2.24 -20.33
CA LEU A 50 -14.69 -2.28 -18.87
C LEU A 50 -15.88 -1.61 -18.20
N VAL A 51 -16.26 -0.44 -18.72
CA VAL A 51 -17.38 0.34 -18.21
C VAL A 51 -18.68 -0.46 -18.29
N ARG A 52 -18.89 -1.12 -19.42
CA ARG A 52 -20.10 -1.91 -19.62
C ARG A 52 -20.16 -3.10 -18.67
N ALA A 53 -19.02 -3.74 -18.44
CA ALA A 53 -18.94 -4.84 -17.46
C ALA A 53 -19.29 -4.33 -16.06
N ALA A 54 -18.78 -3.17 -15.71
CA ALA A 54 -19.04 -2.56 -14.42
C ALA A 54 -20.53 -2.24 -14.26
N LYS A 55 -21.13 -1.69 -15.32
CA LYS A 55 -22.54 -1.35 -15.36
C LYS A 55 -23.45 -2.56 -15.17
N ARG A 56 -23.02 -3.71 -15.67
CA ARG A 56 -23.80 -4.96 -15.54
C ARG A 56 -24.00 -5.44 -14.11
N VAL A 57 -23.13 -5.02 -13.19
CA VAL A 57 -23.26 -5.42 -11.78
C VAL A 57 -24.51 -4.79 -11.18
N PRO A 58 -25.46 -5.62 -10.70
CA PRO A 58 -26.71 -5.02 -10.22
C PRO A 58 -26.51 -4.03 -9.07
N GLY A 59 -27.21 -2.90 -9.14
CA GLY A 59 -27.13 -1.83 -8.14
C GLY A 59 -25.82 -1.05 -8.19
N SER A 60 -25.06 -1.22 -9.26
CA SER A 60 -23.77 -0.56 -9.40
C SER A 60 -23.89 0.95 -9.59
N VAL A 61 -22.94 1.69 -9.01
CA VAL A 61 -22.58 3.01 -9.49
C VAL A 61 -21.14 2.88 -10.03
N VAL A 62 -20.90 3.41 -11.23
CA VAL A 62 -19.60 3.28 -11.89
C VAL A 62 -18.79 4.56 -11.75
N VAL A 63 -17.60 4.39 -11.17
CA VAL A 63 -16.59 5.43 -11.12
C VAL A 63 -15.49 5.13 -12.12
N VAL A 64 -15.29 6.00 -13.10
CA VAL A 64 -14.15 5.89 -13.99
C VAL A 64 -13.13 6.94 -13.60
N SER A 65 -11.91 6.54 -13.28
CA SER A 65 -10.87 7.51 -13.03
C SER A 65 -10.07 7.74 -14.30
N ILE A 66 -9.71 9.02 -14.52
CA ILE A 66 -8.84 9.40 -15.63
C ILE A 66 -7.69 10.18 -15.06
N PHE A 67 -6.50 9.62 -15.12
CA PHE A 67 -5.30 10.23 -14.56
C PHE A 67 -4.09 9.66 -15.30
N VAL A 68 -3.37 10.53 -16.01
CA VAL A 68 -2.11 10.12 -16.62
C VAL A 68 -1.04 10.19 -15.52
N ASN A 69 -0.76 9.03 -14.97
CA ASN A 69 0.05 8.93 -13.75
C ASN A 69 1.53 9.16 -14.02
N PRO A 70 2.08 10.30 -13.53
N PRO A 70 2.08 10.32 -13.60
CA PRO A 70 3.48 10.63 -13.84
CA PRO A 70 3.50 10.56 -13.91
C PRO A 70 4.48 9.65 -13.24
C PRO A 70 4.44 9.50 -13.36
N MET A 71 4.05 8.88 -12.25
CA MET A 71 4.95 7.95 -11.53
C MET A 71 5.33 6.67 -12.28
N GLN A 72 4.58 6.35 -13.34
CA GLN A 72 4.83 5.13 -14.09
C GLN A 72 5.55 5.43 -15.41
N PHE A 73 6.02 6.67 -15.56
CA PHE A 73 6.83 7.07 -16.71
C PHE A 73 8.23 7.38 -16.24
N GLY A 74 9.22 7.15 -17.11
CA GLY A 74 10.59 7.58 -16.84
C GLY A 74 10.90 8.77 -17.71
N ALA A 75 12.04 9.42 -17.47
CA ALA A 75 12.48 10.55 -18.31
C ALA A 75 12.61 10.11 -19.77
N GLY A 76 12.35 11.03 -20.70
CA GLY A 76 12.52 10.71 -22.12
C GLY A 76 11.37 11.16 -23.01
N GLY A 77 10.43 11.92 -22.43
CA GLY A 77 9.34 12.52 -23.20
C GLY A 77 8.07 11.71 -23.29
N ASP A 78 8.06 10.52 -22.70
CA ASP A 78 6.90 9.62 -22.74
C ASP A 78 5.68 10.23 -22.05
N LEU A 79 5.91 10.85 -20.90
CA LEU A 79 4.81 11.48 -20.15
C LEU A 79 4.14 12.58 -20.96
N ASP A 80 4.96 13.45 -21.57
CA ASP A 80 4.40 14.55 -22.36
C ASP A 80 3.71 14.06 -23.62
N ALA A 81 4.19 12.94 -24.14
CA ALA A 81 3.69 12.37 -25.39
C ALA A 81 2.42 11.53 -25.23
N TYR A 82 2.04 11.20 -23.99
CA TYR A 82 0.86 10.37 -23.83
C TYR A 82 -0.38 11.08 -24.34
N PRO A 83 -1.23 10.37 -25.13
CA PRO A 83 -2.42 11.04 -25.70
C PRO A 83 -3.38 11.52 -24.63
N ARG A 84 -3.82 12.76 -24.78
CA ARG A 84 -4.79 13.33 -23.86
C ARG A 84 -5.94 13.86 -24.70
N THR A 85 -7.13 13.31 -24.48
CA THR A 85 -8.33 13.70 -25.24
C THR A 85 -9.48 13.90 -24.26
N PRO A 86 -9.37 14.94 -23.40
CA PRO A 86 -10.27 15.19 -22.28
C PRO A 86 -11.73 15.26 -22.71
N ASP A 87 -12.01 15.98 -23.80
CA ASP A 87 -13.38 16.24 -24.22
C ASP A 87 -14.07 15.01 -24.77
N ASP A 88 -13.36 14.23 -25.57
CA ASP A 88 -13.85 12.96 -26.09
CA ASP A 88 -13.90 12.99 -26.07
C ASP A 88 -14.09 11.99 -24.94
N ASP A 89 -13.14 11.95 -23.99
CA ASP A 89 -13.25 11.02 -22.85
C ASP A 89 -14.58 11.21 -22.10
N LEU A 90 -14.85 12.44 -21.70
CA LEU A 90 -16.06 12.76 -20.93
C LEU A 90 -17.35 12.55 -21.75
N ALA A 91 -17.30 12.90 -23.03
CA ALA A 91 -18.42 12.65 -23.95
C ALA A 91 -18.73 11.16 -24.02
N GLN A 92 -17.69 10.34 -24.09
CA GLN A 92 -17.87 8.90 -24.12
C GLN A 92 -18.52 8.39 -22.84
N LEU A 93 -18.06 8.90 -21.69
CA LEU A 93 -18.62 8.45 -20.41
C LEU A 93 -20.09 8.82 -20.26
N ARG A 94 -20.45 10.02 -20.71
CA ARG A 94 -21.87 10.42 -20.73
C ARG A 94 -22.72 9.49 -21.59
N ALA A 95 -22.22 9.16 -22.78
CA ALA A 95 -22.90 8.26 -23.71
C ALA A 95 -23.09 6.87 -23.10
N GLU A 96 -22.20 6.49 -22.18
CA GLU A 96 -22.25 5.17 -21.57
C GLU A 96 -23.10 5.14 -20.28
N GLY A 97 -23.60 6.30 -19.87
CA GLY A 97 -24.41 6.38 -18.67
C GLY A 97 -23.62 6.34 -17.36
N VAL A 98 -22.32 6.62 -17.45
CA VAL A 98 -21.45 6.60 -16.27
C VAL A 98 -21.81 7.79 -15.38
N GLU A 99 -21.93 7.53 -14.09
CA GLU A 99 -22.36 8.57 -13.18
C GLU A 99 -21.25 9.35 -12.51
N ILE A 100 -20.05 8.78 -12.42
CA ILE A 100 -18.93 9.48 -11.79
C ILE A 100 -17.65 9.36 -12.60
N ALA A 101 -17.03 10.51 -12.89
CA ALA A 101 -15.68 10.55 -13.44
C ALA A 101 -14.77 11.18 -12.38
N PHE A 102 -13.65 10.53 -12.06
CA PHE A 102 -12.71 11.08 -11.10
C PHE A 102 -11.48 11.50 -11.90
N THR A 103 -11.23 12.82 -11.93
CA THR A 103 -10.18 13.39 -12.76
C THR A 103 -9.25 14.22 -11.86
N PRO A 104 -8.45 13.57 -11.03
CA PRO A 104 -7.58 14.31 -10.09
C PRO A 104 -6.43 15.02 -10.77
N THR A 105 -5.92 16.04 -10.09
CA THR A 105 -4.72 16.70 -10.54
C THR A 105 -3.50 15.97 -10.00
N THR A 106 -2.35 16.22 -10.62
CA THR A 106 -1.10 15.66 -10.16
C THR A 106 -0.82 16.11 -8.72
N ALA A 107 -1.09 17.38 -8.43
CA ALA A 107 -0.83 17.92 -7.09
C ALA A 107 -1.72 17.26 -6.04
N ALA A 108 -2.95 16.89 -6.41
CA ALA A 108 -3.86 16.30 -5.44
C ALA A 108 -3.42 14.86 -5.15
N MET A 109 -2.88 14.19 -6.16
CA MET A 109 -2.46 12.80 -5.98
C MET A 109 -1.09 12.70 -5.32
N TYR A 110 -0.20 13.64 -5.65
CA TYR A 110 1.18 13.58 -5.19
C TYR A 110 1.62 14.88 -4.52
N PRO A 111 0.92 15.30 -3.46
CA PRO A 111 1.25 16.60 -2.84
C PRO A 111 2.63 16.62 -2.22
N ASP A 112 3.17 15.43 -1.90
CA ASP A 112 4.49 15.33 -1.26
C ASP A 112 5.53 14.74 -2.19
N GLY A 113 5.23 14.71 -3.48
CA GLY A 113 6.08 14.08 -4.46
C GLY A 113 6.18 12.58 -4.19
N LEU A 114 7.28 12.00 -4.62
CA LEU A 114 7.56 10.59 -4.41
C LEU A 114 8.03 10.37 -2.99
N ARG A 115 7.25 9.61 -2.22
CA ARG A 115 7.61 9.31 -0.83
C ARG A 115 7.35 7.81 -0.57
N THR A 116 6.29 7.44 0.14
CA THR A 116 5.97 6.00 0.31
C THR A 116 5.48 5.45 -1.02
N THR A 117 6.03 4.33 -1.46
CA THR A 117 5.58 3.70 -2.70
C THR A 117 5.35 2.22 -2.51
N VAL A 118 4.72 1.60 -3.49
CA VAL A 118 4.56 0.14 -3.49
C VAL A 118 5.74 -0.45 -4.22
N GLN A 119 6.38 -1.43 -3.58
CA GLN A 119 7.43 -2.23 -4.20
C GLN A 119 6.82 -3.56 -4.70
N PRO A 120 6.66 -3.73 -6.03
CA PRO A 120 6.11 -4.98 -6.51
C PRO A 120 7.08 -6.13 -6.27
N GLY A 121 6.55 -7.34 -6.39
CA GLY A 121 7.39 -8.54 -6.37
C GLY A 121 8.23 -8.65 -7.64
N PRO A 122 9.00 -9.74 -7.75
CA PRO A 122 9.98 -9.97 -8.82
C PRO A 122 9.40 -9.92 -10.23
N LEU A 123 8.10 -10.21 -10.37
CA LEU A 123 7.47 -10.14 -11.71
C LEU A 123 7.63 -8.75 -12.35
N ALA A 124 7.76 -7.71 -11.52
CA ALA A 124 7.86 -6.35 -12.04
C ALA A 124 9.16 -6.09 -12.78
N ALA A 125 10.14 -6.98 -12.62
CA ALA A 125 11.45 -6.80 -13.29
C ALA A 125 11.56 -7.61 -14.58
N GLU A 126 10.47 -8.24 -14.95
CA GLU A 126 10.44 -9.06 -16.16
C GLU A 126 9.53 -8.48 -17.21
N LEU A 127 9.71 -8.97 -18.44
CA LEU A 127 8.85 -8.59 -19.56
C LEU A 127 8.83 -7.07 -19.70
N GLU A 128 7.67 -6.44 -19.53
CA GLU A 128 7.57 -4.97 -19.65
C GLU A 128 8.47 -4.23 -18.68
N GLY A 129 8.70 -4.83 -17.51
CA GLY A 129 9.49 -4.15 -16.49
C GLY A 129 11.00 -4.30 -16.63
N GLY A 130 11.45 -5.21 -17.50
CA GLY A 130 12.89 -5.47 -17.66
C GLY A 130 13.72 -4.21 -17.91
N PRO A 131 13.38 -3.44 -18.95
CA PRO A 131 14.07 -2.18 -19.26
C PRO A 131 13.47 -0.98 -18.54
N ARG A 132 12.46 -1.19 -17.71
CA ARG A 132 11.72 -0.10 -17.07
C ARG A 132 11.54 -0.38 -15.59
N PRO A 133 12.63 -0.27 -14.81
CA PRO A 133 12.68 -0.81 -13.44
C PRO A 133 11.67 -0.28 -12.43
N THR A 134 11.15 0.93 -12.63
CA THR A 134 10.18 1.48 -11.67
C THR A 134 8.77 1.61 -12.26
N HIS A 135 8.56 1.10 -13.46
CA HIS A 135 7.27 1.26 -14.14
C HIS A 135 6.12 0.69 -13.30
N PHE A 136 6.26 -0.58 -12.89
CA PHE A 136 5.17 -1.24 -12.18
C PHE A 136 5.01 -0.76 -10.75
N ALA A 137 6.11 -0.32 -10.12
CA ALA A 137 6.00 0.35 -8.83
C ALA A 137 5.09 1.56 -9.00
N GLY A 138 5.29 2.30 -10.09
CA GLY A 138 4.44 3.45 -10.40
C GLY A 138 2.96 3.11 -10.59
N VAL A 139 2.71 2.06 -11.35
CA VAL A 139 1.36 1.59 -11.58
C VAL A 139 0.70 1.16 -10.28
N LEU A 140 1.38 0.32 -9.51
CA LEU A 140 0.79 -0.26 -8.28
C LEU A 140 0.55 0.82 -7.24
N THR A 141 1.42 1.80 -7.19
CA THR A 141 1.24 2.91 -6.26
C THR A 141 -0.03 3.71 -6.59
N VAL A 142 -0.21 4.09 -7.86
CA VAL A 142 -1.42 4.85 -8.18
C VAL A 142 -2.69 3.99 -8.02
N VAL A 143 -2.59 2.71 -8.37
CA VAL A 143 -3.77 1.85 -8.25
C VAL A 143 -4.13 1.68 -6.76
N LEU A 144 -3.14 1.51 -5.90
CA LEU A 144 -3.41 1.42 -4.48
C LEU A 144 -4.10 2.70 -4.00
N LYS A 145 -3.58 3.86 -4.39
CA LYS A 145 -4.21 5.12 -3.96
C LYS A 145 -5.67 5.25 -4.45
N LEU A 146 -5.91 4.92 -5.72
CA LEU A 146 -7.27 5.01 -6.28
C LEU A 146 -8.24 4.08 -5.54
N LEU A 147 -7.75 2.89 -5.21
CA LEU A 147 -8.55 1.91 -4.47
C LEU A 147 -8.89 2.43 -3.09
N GLN A 148 -7.95 3.14 -2.47
CA GLN A 148 -8.17 3.66 -1.11
C GLN A 148 -9.06 4.87 -1.14
N ILE A 149 -8.95 5.69 -2.19
CA ILE A 149 -9.78 6.89 -2.33
C ILE A 149 -11.24 6.48 -2.59
N VAL A 150 -11.42 5.57 -3.52
CA VAL A 150 -12.76 5.19 -3.98
C VAL A 150 -13.40 4.07 -3.18
N ARG A 151 -12.58 3.18 -2.61
CA ARG A 151 -13.04 1.98 -1.89
C ARG A 151 -14.12 1.22 -2.66
N PRO A 152 -13.82 0.82 -3.89
CA PRO A 152 -14.83 0.12 -4.68
C PRO A 152 -15.00 -1.31 -4.23
N ASP A 153 -16.14 -1.91 -4.57
CA ASP A 153 -16.36 -3.33 -4.34
C ASP A 153 -15.64 -4.20 -5.36
N ARG A 154 -15.56 -3.68 -6.59
CA ARG A 154 -14.87 -4.35 -7.69
C ARG A 154 -14.13 -3.31 -8.48
N VAL A 155 -12.99 -3.71 -9.02
CA VAL A 155 -12.20 -2.86 -9.88
C VAL A 155 -11.93 -3.63 -11.18
N PHE A 156 -12.03 -2.94 -12.30
CA PHE A 156 -11.99 -3.58 -13.62
C PHE A 156 -10.72 -3.24 -14.42
N PHE A 157 -10.05 -4.26 -14.95
CA PHE A 157 -8.88 -4.07 -15.81
C PHE A 157 -9.00 -4.91 -17.08
N GLY A 158 -8.37 -4.43 -18.15
CA GLY A 158 -8.31 -5.21 -19.38
C GLY A 158 -7.27 -6.30 -19.29
N GLU A 159 -7.49 -7.40 -20.02
CA GLU A 159 -6.48 -8.45 -20.12
C GLU A 159 -5.38 -8.06 -21.10
N LYS A 160 -5.56 -6.96 -21.82
CA LYS A 160 -4.57 -6.53 -22.80
C LYS A 160 -3.23 -6.29 -22.12
N ASP A 161 -3.28 -5.55 -21.02
CA ASP A 161 -2.07 -5.33 -20.23
C ASP A 161 -2.04 -6.42 -19.15
N TYR A 162 -1.75 -7.63 -19.63
CA TYR A 162 -1.90 -8.85 -18.83
C TYR A 162 -0.96 -8.86 -17.62
N GLN A 163 0.30 -8.50 -17.86
CA GLN A 163 1.28 -8.43 -16.77
C GLN A 163 0.81 -7.43 -15.69
N GLN A 164 0.36 -6.26 -16.13
CA GLN A 164 -0.20 -5.30 -15.17
C GLN A 164 -1.35 -5.92 -14.34
N LEU A 165 -2.26 -6.64 -15.00
CA LEU A 165 -3.38 -7.28 -14.32
C LEU A 165 -2.91 -8.29 -13.27
N VAL A 166 -1.94 -9.11 -13.63
CA VAL A 166 -1.40 -10.10 -12.69
C VAL A 166 -0.79 -9.40 -11.48
N LEU A 167 -0.05 -8.33 -11.74
CA LEU A 167 0.58 -7.59 -10.64
C LEU A 167 -0.46 -6.94 -9.76
N ILE A 168 -1.54 -6.46 -10.34
CA ILE A 168 -2.66 -5.87 -9.56
C ILE A 168 -3.32 -6.95 -8.67
N ARG A 169 -3.50 -8.16 -9.20
CA ARG A 169 -3.98 -9.26 -8.34
C ARG A 169 -3.00 -9.54 -7.19
N GLN A 170 -1.70 -9.45 -7.48
CA GLN A 170 -0.68 -9.64 -6.43
C GLN A 170 -0.84 -8.54 -5.37
N LEU A 171 -0.95 -7.29 -5.81
CA LEU A 171 -1.16 -6.17 -4.89
C LEU A 171 -2.36 -6.43 -3.97
N VAL A 172 -3.48 -6.80 -4.58
CA VAL A 172 -4.70 -7.07 -3.82
C VAL A 172 -4.56 -8.20 -2.78
N ALA A 173 -3.96 -9.32 -3.20
CA ALA A 173 -3.73 -10.44 -2.30
C ALA A 173 -2.74 -10.08 -1.21
N ASP A 174 -1.62 -9.47 -1.60
CA ASP A 174 -0.51 -9.24 -0.70
C ASP A 174 -0.78 -8.18 0.36
N PHE A 175 -1.61 -7.21 0.01
CA PHE A 175 -1.99 -6.17 0.96
C PHE A 175 -3.38 -6.41 1.56
N ASN A 176 -3.97 -7.58 1.33
CA ASN A 176 -5.26 -7.91 1.94
C ASN A 176 -6.35 -6.90 1.60
N LEU A 177 -6.33 -6.38 0.37
CA LEU A 177 -7.33 -5.36 -0.05
C LEU A 177 -8.71 -5.97 -0.23
N ASP A 178 -9.74 -5.26 0.24
CA ASP A 178 -11.11 -5.79 0.23
C ASP A 178 -11.80 -5.33 -1.04
N VAL A 179 -11.29 -5.80 -2.17
CA VAL A 179 -11.85 -5.48 -3.49
C VAL A 179 -11.70 -6.71 -4.35
N ALA A 180 -12.66 -6.94 -5.23
CA ALA A 180 -12.55 -7.99 -6.22
C ALA A 180 -11.97 -7.42 -7.51
N VAL A 181 -10.96 -8.09 -8.07
CA VAL A 181 -10.35 -7.68 -9.33
C VAL A 181 -11.00 -8.47 -10.46
N VAL A 182 -11.53 -7.75 -11.45
CA VAL A 182 -12.22 -8.35 -12.58
C VAL A 182 -11.42 -8.04 -13.82
N GLY A 183 -10.91 -9.09 -14.46
CA GLY A 183 -10.19 -8.96 -15.72
C GLY A 183 -11.17 -9.15 -16.87
N VAL A 184 -11.12 -8.24 -17.85
CA VAL A 184 -12.05 -8.25 -18.97
C VAL A 184 -11.31 -8.60 -20.27
N PRO A 185 -11.79 -9.63 -21.01
CA PRO A 185 -11.09 -10.01 -22.24
C PRO A 185 -10.91 -8.87 -23.23
N THR A 186 -9.75 -8.88 -23.89
CA THR A 186 -9.31 -7.84 -24.81
C THR A 186 -10.28 -7.62 -25.97
N VAL A 187 -10.73 -6.36 -26.12
CA VAL A 187 -11.51 -5.94 -27.28
C VAL A 187 -10.55 -5.76 -28.46
N ARG A 188 -10.97 -6.24 -29.63
CA ARG A 188 -10.14 -6.20 -30.82
C ARG A 188 -10.84 -5.51 -31.97
N GLU A 189 -10.06 -4.86 -32.83
CA GLU A 189 -10.57 -4.41 -34.13
C GLU A 189 -10.98 -5.62 -34.97
N ALA A 190 -11.72 -5.38 -36.06
CA ALA A 190 -12.24 -6.48 -36.89
C ALA A 190 -11.19 -7.49 -37.38
N ASP A 191 -9.97 -7.00 -37.64
CA ASP A 191 -8.90 -7.83 -38.15
C ASP A 191 -8.11 -8.52 -37.04
N GLY A 192 -8.46 -8.22 -35.78
CA GLY A 192 -7.78 -8.82 -34.64
C GLY A 192 -6.89 -7.90 -33.80
N LEU A 193 -6.56 -6.72 -34.32
CA LEU A 193 -5.66 -5.82 -33.60
C LEU A 193 -6.24 -5.43 -32.23
N ALA A 194 -5.48 -5.63 -31.17
CA ALA A 194 -5.94 -5.27 -29.84
C ALA A 194 -6.15 -3.77 -29.73
N MET A 195 -7.25 -3.35 -29.11
CA MET A 195 -7.49 -1.93 -28.83
C MET A 195 -6.37 -1.34 -27.98
N SER A 196 -5.94 -0.13 -28.34
CA SER A 196 -4.91 0.56 -27.57
C SER A 196 -4.97 2.03 -27.92
N SER A 197 -4.69 2.87 -26.92
CA SER A 197 -4.54 4.32 -27.14
C SER A 197 -3.30 4.64 -27.99
N ARG A 198 -2.43 3.64 -28.22
CA ARG A 198 -1.23 3.82 -29.06
C ARG A 198 -1.46 3.50 -30.53
N ASN A 199 -2.59 2.88 -30.87
CA ASN A 199 -2.86 2.47 -32.25
C ASN A 199 -2.93 3.67 -33.21
N ARG A 200 -3.26 4.82 -32.63
CA ARG A 200 -3.30 6.09 -33.38
C ARG A 200 -1.93 6.48 -33.95
N TYR A 201 -0.84 5.87 -33.44
CA TYR A 201 0.50 6.21 -33.91
C TYR A 201 1.02 5.28 -35.02
N LEU A 202 0.13 4.41 -35.51
CA LEU A 202 0.41 3.57 -36.67
C LEU A 202 -0.05 4.28 -37.95
N ASP A 203 0.89 4.51 -38.85
CA ASP A 203 0.56 4.99 -40.19
C ASP A 203 -0.13 3.84 -40.95
N PRO A 204 -0.71 4.11 -42.14
CA PRO A 204 -1.42 3.06 -42.86
C PRO A 204 -0.63 1.76 -43.08
N ALA A 205 0.63 1.86 -43.46
CA ALA A 205 1.48 0.67 -43.66
C ALA A 205 1.67 -0.08 -42.34
N GLN A 206 1.95 0.66 -41.27
CA GLN A 206 2.17 0.06 -39.95
C GLN A 206 0.89 -0.56 -39.42
N ARG A 207 -0.26 0.09 -39.67
CA ARG A 207 -1.54 -0.46 -39.25
C ARG A 207 -1.79 -1.81 -39.91
N ALA A 208 -1.43 -1.90 -41.19
CA ALA A 208 -1.63 -3.12 -41.94
C ALA A 208 -0.75 -4.22 -41.38
N ALA A 209 0.51 -3.88 -41.09
CA ALA A 209 1.50 -4.83 -40.59
C ALA A 209 1.16 -5.30 -39.17
N ALA A 210 0.49 -4.41 -38.41
CA ALA A 210 0.23 -4.65 -36.99
C ALA A 210 -0.70 -5.83 -36.72
N VAL A 211 -1.47 -6.24 -37.72
CA VAL A 211 -2.32 -7.42 -37.60
C VAL A 211 -1.50 -8.68 -37.28
N ALA A 212 -0.22 -8.66 -37.66
CA ALA A 212 0.68 -9.79 -37.38
C ALA A 212 0.73 -10.21 -35.91
N LEU A 213 0.51 -9.29 -34.96
CA LEU A 213 0.65 -9.67 -33.55
C LEU A 213 -0.47 -10.62 -33.18
N SER A 214 -1.69 -10.23 -33.49
CA SER A 214 -2.87 -11.05 -33.15
C SER A 214 -2.94 -12.31 -34.01
N ALA A 215 -2.55 -12.19 -35.29
CA ALA A 215 -2.48 -13.34 -36.17
C ALA A 215 -1.48 -14.36 -35.63
N ALA A 216 -0.32 -13.90 -35.16
CA ALA A 216 0.71 -14.82 -34.63
C ALA A 216 0.22 -15.50 -33.37
N LEU A 217 -0.45 -14.75 -32.49
CA LEU A 217 -0.96 -15.30 -31.23
C LEU A 217 -2.07 -16.31 -31.45
N THR A 218 -2.99 -15.98 -32.36
CA THR A 218 -4.12 -16.86 -32.60
CA THR A 218 -4.12 -16.86 -32.61
C THR A 218 -3.64 -18.12 -33.31
N ALA A 219 -2.67 -17.97 -34.21
CA ALA A 219 -2.04 -19.13 -34.86
C ALA A 219 -1.41 -20.04 -33.81
N ALA A 220 -0.66 -19.43 -32.89
CA ALA A 220 -0.01 -20.18 -31.83
C ALA A 220 -1.04 -20.95 -30.98
N ALA A 221 -2.15 -20.29 -30.64
CA ALA A 221 -3.16 -20.91 -29.78
C ALA A 221 -3.73 -22.17 -30.41
N HIS A 222 -3.82 -22.17 -31.73
CA HIS A 222 -4.33 -23.36 -32.41
C HIS A 222 -3.23 -24.36 -32.70
N ALA A 223 -2.03 -23.87 -32.95
CA ALA A 223 -0.88 -24.76 -33.13
C ALA A 223 -0.57 -25.55 -31.86
N ALA A 224 -1.05 -25.06 -30.72
CA ALA A 224 -0.64 -25.58 -29.40
C ALA A 224 -1.09 -27.01 -29.13
N THR A 225 -2.00 -27.54 -29.92
CA THR A 225 -2.36 -28.97 -29.77
C THR A 225 -1.12 -29.82 -30.00
N ALA A 226 -0.19 -29.30 -30.80
CA ALA A 226 1.08 -29.99 -31.12
C ALA A 226 2.23 -29.63 -30.18
N GLY A 227 1.95 -28.83 -29.14
CA GLY A 227 2.95 -28.54 -28.11
C GLY A 227 3.47 -27.13 -28.10
N ALA A 228 4.30 -26.83 -27.10
CA ALA A 228 4.80 -25.47 -26.91
C ALA A 228 5.74 -25.03 -28.04
N GLN A 229 6.62 -25.91 -28.50
CA GLN A 229 7.53 -25.54 -29.58
C GLN A 229 6.76 -25.17 -30.84
N ALA A 230 5.78 -26.00 -31.21
CA ALA A 230 4.91 -25.73 -32.37
C ALA A 230 4.23 -24.38 -32.23
N ALA A 231 3.66 -24.11 -31.04
CA ALA A 231 2.97 -22.83 -30.79
C ALA A 231 3.89 -21.65 -31.01
N LEU A 232 5.05 -21.67 -30.34
CA LEU A 232 6.02 -20.57 -30.47
C LEU A 232 6.53 -20.40 -31.89
N ASP A 233 6.83 -21.51 -32.55
CA ASP A 233 7.36 -21.45 -33.89
C ASP A 233 6.30 -20.93 -34.89
N ALA A 234 5.02 -21.29 -34.69
CA ALA A 234 3.95 -20.71 -35.54
C ALA A 234 3.89 -19.20 -35.36
N ALA A 235 3.90 -18.75 -34.11
CA ALA A 235 3.88 -17.30 -33.87
C ALA A 235 5.08 -16.58 -34.48
N ARG A 236 6.27 -17.17 -34.33
CA ARG A 236 7.50 -16.57 -34.83
C ARG A 236 7.41 -16.44 -36.35
N ALA A 237 6.87 -17.47 -37.00
CA ALA A 237 6.77 -17.48 -38.45
C ALA A 237 5.90 -16.34 -38.95
N VAL A 238 4.77 -16.11 -38.27
CA VAL A 238 3.87 -15.04 -38.68
C VAL A 238 4.57 -13.70 -38.45
N LEU A 239 5.23 -13.55 -37.30
CA LEU A 239 5.91 -12.27 -37.01
C LEU A 239 7.03 -11.99 -38.02
N ASP A 240 7.75 -13.04 -38.39
CA ASP A 240 8.85 -12.96 -39.35
C ASP A 240 8.40 -12.60 -40.77
N ALA A 241 7.16 -12.94 -41.10
CA ALA A 241 6.61 -12.67 -42.42
C ALA A 241 6.05 -11.26 -42.51
N ALA A 242 6.03 -10.56 -41.37
CA ALA A 242 5.40 -9.24 -41.29
C ALA A 242 6.40 -8.13 -41.53
N PRO A 243 6.07 -7.23 -42.49
CA PRO A 243 7.01 -6.19 -42.85
C PRO A 243 7.10 -5.14 -41.77
N GLY A 244 8.31 -4.87 -41.29
CA GLY A 244 8.52 -3.75 -40.38
C GLY A 244 8.00 -3.98 -38.97
N VAL A 245 7.85 -5.25 -38.59
CA VAL A 245 7.57 -5.62 -37.20
C VAL A 245 8.86 -6.07 -36.53
N ALA A 246 9.31 -5.32 -35.53
CA ALA A 246 10.51 -5.65 -34.78
C ALA A 246 10.11 -6.19 -33.42
N VAL A 247 10.29 -7.50 -33.22
CA VAL A 247 9.86 -8.15 -31.98
C VAL A 247 10.79 -7.82 -30.82
N ASP A 248 10.22 -7.39 -29.70
N ASP A 248 10.20 -7.33 -29.73
CA ASP A 248 10.96 -7.12 -28.46
CA ASP A 248 10.89 -7.13 -28.48
C ASP A 248 11.02 -8.38 -27.58
C ASP A 248 11.02 -8.50 -27.82
N TYR A 249 9.88 -9.07 -27.45
CA TYR A 249 9.84 -10.40 -26.84
C TYR A 249 8.61 -11.17 -27.30
N LEU A 250 8.71 -12.50 -27.22
CA LEU A 250 7.63 -13.42 -27.45
C LEU A 250 7.88 -14.54 -26.45
N GLU A 251 7.02 -14.63 -25.45
CA GLU A 251 7.24 -15.57 -24.35
C GLU A 251 5.98 -16.29 -23.99
N LEU A 252 6.14 -17.59 -23.77
CA LEU A 252 5.08 -18.43 -23.34
C LEU A 252 5.33 -18.75 -21.87
N ARG A 253 4.42 -18.33 -21.02
CA ARG A 253 4.60 -18.51 -19.57
C ARG A 253 3.38 -19.19 -18.95
N ASP A 254 3.55 -19.68 -17.73
CA ASP A 254 2.41 -20.04 -16.90
C ASP A 254 1.43 -18.86 -16.80
N ILE A 255 0.15 -19.13 -16.53
CA ILE A 255 -0.87 -18.06 -16.48
C ILE A 255 -0.65 -16.96 -15.44
N GLY A 256 0.02 -17.30 -14.34
CA GLY A 256 0.33 -16.29 -13.33
C GLY A 256 1.65 -15.60 -13.59
N LEU A 257 2.30 -15.92 -14.71
CA LEU A 257 3.58 -15.31 -15.09
C LEU A 257 4.65 -15.44 -13.99
N GLY A 258 4.37 -16.27 -12.99
CA GLY A 258 5.18 -16.37 -11.78
C GLY A 258 6.28 -17.41 -11.90
N PRO A 259 6.96 -17.71 -10.78
CA PRO A 259 8.08 -18.66 -10.74
C PRO A 259 7.61 -20.11 -10.76
N MET A 260 6.83 -20.45 -11.78
CA MET A 260 6.41 -21.82 -12.01
C MET A 260 6.41 -22.15 -13.50
N PRO A 261 6.73 -23.41 -13.83
CA PRO A 261 6.80 -23.77 -15.23
C PRO A 261 5.42 -23.90 -15.85
N LEU A 262 5.38 -23.78 -17.17
CA LEU A 262 4.18 -24.01 -17.94
C LEU A 262 3.63 -25.43 -17.72
N ASN A 263 2.35 -25.52 -17.34
CA ASN A 263 1.61 -26.80 -17.36
C ASN A 263 0.71 -26.89 -18.61
N GLY A 264 -0.57 -27.20 -18.41
CA GLY A 264 -1.53 -27.21 -19.51
C GLY A 264 -2.01 -25.83 -19.92
N SER A 265 -1.95 -24.87 -18.99
CA SER A 265 -2.53 -23.53 -19.23
C SER A 265 -1.45 -22.47 -19.19
N GLY A 266 -1.36 -21.72 -20.28
CA GLY A 266 -0.31 -20.74 -20.41
C GLY A 266 -0.85 -19.44 -20.92
N ARG A 267 0.05 -18.46 -20.97
CA ARG A 267 -0.23 -17.21 -21.62
C ARG A 267 0.94 -16.91 -22.53
N LEU A 268 0.63 -16.61 -23.79
CA LEU A 268 1.64 -16.19 -24.73
C LEU A 268 1.59 -14.67 -24.86
N LEU A 269 2.71 -14.02 -24.60
CA LEU A 269 2.78 -12.57 -24.63
C LEU A 269 3.74 -12.14 -25.69
N VAL A 270 3.40 -11.05 -26.39
CA VAL A 270 4.30 -10.48 -27.38
C VAL A 270 4.38 -8.96 -27.18
N ALA A 271 5.55 -8.39 -27.47
CA ALA A 271 5.71 -6.96 -27.55
C ALA A 271 6.53 -6.74 -28.79
N ALA A 272 6.14 -5.77 -29.61
CA ALA A 272 6.84 -5.52 -30.86
C ALA A 272 6.79 -4.04 -31.21
N ARG A 273 7.78 -3.59 -31.98
CA ARG A 273 7.80 -2.20 -32.42
C ARG A 273 7.47 -2.09 -33.89
N LEU A 274 6.56 -1.18 -34.19
CA LEU A 274 6.27 -0.78 -35.56
C LEU A 274 6.66 0.68 -35.68
N GLY A 275 7.80 0.91 -36.31
CA GLY A 275 8.44 2.23 -36.27
C GLY A 275 8.79 2.53 -34.82
N THR A 276 8.28 3.64 -34.29
CA THR A 276 8.52 3.97 -32.90
C THR A 276 7.41 3.49 -31.96
N THR A 277 6.36 2.92 -32.53
CA THR A 277 5.19 2.50 -31.72
C THR A 277 5.36 1.08 -31.20
N ARG A 278 5.37 0.95 -29.87
CA ARG A 278 5.46 -0.34 -29.24
C ARG A 278 4.06 -0.85 -28.94
N LEU A 279 3.76 -2.03 -29.48
CA LEU A 279 2.46 -2.68 -29.28
C LEU A 279 2.62 -3.93 -28.45
N LEU A 280 1.60 -4.23 -27.65
CA LEU A 280 1.53 -5.44 -26.83
C LEU A 280 0.32 -6.27 -27.24
N ASP A 281 0.43 -7.58 -27.07
CA ASP A 281 -0.75 -8.42 -27.16
C ASP A 281 -0.44 -9.69 -26.40
N ASN A 282 -1.49 -10.42 -26.05
CA ASN A 282 -1.32 -11.69 -25.37
C ASN A 282 -2.56 -12.53 -25.58
N ILE A 283 -2.40 -13.84 -25.37
CA ILE A 283 -3.50 -14.77 -25.57
C ILE A 283 -3.37 -15.96 -24.63
N ALA A 284 -4.51 -16.54 -24.25
CA ALA A 284 -4.53 -17.80 -23.52
C ALA A 284 -4.06 -18.93 -24.42
N ILE A 285 -3.29 -19.84 -23.86
CA ILE A 285 -2.78 -21.00 -24.59
C ILE A 285 -3.11 -22.24 -23.76
N GLU A 286 -3.68 -23.24 -24.42
CA GLU A 286 -3.83 -24.56 -23.80
C GLU A 286 -2.92 -25.52 -24.53
N ILE A 287 -2.03 -26.15 -23.79
CA ILE A 287 -1.04 -27.05 -24.38
C ILE A 287 -1.63 -28.46 -24.52
N GLY A 288 -1.53 -29.03 -25.72
CA GLY A 288 -2.06 -30.37 -26.00
C GLY A 288 -3.58 -30.39 -26.09
N THR A 289 -4.17 -31.56 -25.86
CA THR A 289 -5.62 -31.70 -25.95
C THR A 289 -6.23 -32.06 -24.61
N MET B 1 -20.41 -18.03 4.23
CA MET B 1 -21.43 -16.94 4.26
C MET B 1 -21.63 -16.40 5.69
N ALA B 2 -21.81 -17.30 6.65
CA ALA B 2 -22.06 -16.92 8.03
C ALA B 2 -20.84 -16.24 8.64
N ILE B 3 -21.09 -15.23 9.48
CA ILE B 3 -20.03 -14.51 10.19
C ILE B 3 -19.46 -15.45 11.26
N PRO B 4 -18.13 -15.47 11.42
CA PRO B 4 -17.56 -16.27 12.52
C PRO B 4 -18.19 -15.87 13.85
N ALA B 5 -18.20 -16.81 14.79
CA ALA B 5 -18.74 -16.55 16.11
C ALA B 5 -18.07 -15.35 16.79
N PHE B 6 -18.87 -14.48 17.38
CA PHE B 6 -18.39 -13.36 18.19
C PHE B 6 -19.32 -13.20 19.38
N HIS B 7 -18.72 -13.17 20.57
CA HIS B 7 -19.46 -13.02 21.83
C HIS B 7 -19.12 -11.68 22.45
N PRO B 8 -20.07 -10.73 22.43
CA PRO B 8 -19.80 -9.42 23.03
C PRO B 8 -19.45 -9.52 24.51
N GLY B 9 -18.52 -8.67 24.94
CA GLY B 9 -18.09 -8.61 26.32
C GLY B 9 -17.13 -9.71 26.72
N GLU B 10 -16.73 -10.53 25.76
CA GLU B 10 -15.72 -11.56 26.01
C GLU B 10 -14.51 -11.32 25.11
N LEU B 11 -13.38 -11.94 25.44
CA LEU B 11 -12.22 -11.91 24.55
C LEU B 11 -12.37 -12.98 23.47
N ASN B 12 -12.59 -12.53 22.23
CA ASN B 12 -12.70 -13.42 21.10
C ASN B 12 -11.37 -13.47 20.37
N VAL B 13 -10.80 -14.65 20.22
CA VAL B 13 -9.49 -14.83 19.62
C VAL B 13 -9.62 -15.45 18.22
N TYR B 14 -9.02 -14.79 17.23
CA TYR B 14 -9.04 -15.25 15.84
C TYR B 14 -7.62 -15.29 15.31
N SER B 15 -7.27 -16.40 14.68
CA SER B 15 -5.95 -16.52 14.04
C SER B 15 -6.02 -16.32 12.52
N ALA B 16 -7.21 -16.49 11.94
CA ALA B 16 -7.38 -16.36 10.50
C ALA B 16 -7.70 -14.92 10.10
N PRO B 17 -6.88 -14.33 9.21
CA PRO B 17 -7.17 -12.96 8.76
C PRO B 17 -8.60 -12.80 8.24
N GLY B 18 -9.09 -13.81 7.51
CA GLY B 18 -10.45 -13.74 6.98
C GLY B 18 -11.51 -13.65 8.06
N ASP B 19 -11.29 -14.38 9.15
CA ASP B 19 -12.25 -14.37 10.25
C ASP B 19 -12.35 -13.00 10.93
N VAL B 20 -11.22 -12.40 11.23
CA VAL B 20 -11.26 -11.11 11.90
C VAL B 20 -11.78 -10.02 10.93
N ALA B 21 -11.47 -10.14 9.64
CA ALA B 21 -11.99 -9.23 8.63
C ALA B 21 -13.51 -9.27 8.61
N ASP B 22 -14.07 -10.49 8.65
CA ASP B 22 -15.54 -10.66 8.60
C ASP B 22 -16.21 -10.17 9.88
N VAL B 23 -15.61 -10.49 11.03
CA VAL B 23 -16.17 -10.05 12.30
C VAL B 23 -16.10 -8.51 12.43
N SER B 24 -14.96 -7.94 12.05
CA SER B 24 -14.81 -6.49 12.06
C SER B 24 -15.84 -5.82 11.17
N ARG B 25 -16.04 -6.36 9.96
CA ARG B 25 -17.02 -5.80 9.01
C ARG B 25 -18.43 -5.85 9.59
N ALA B 26 -18.79 -6.99 10.17
CA ALA B 26 -20.07 -7.17 10.83
C ALA B 26 -20.28 -6.18 11.99
N LEU B 27 -19.24 -6.00 12.82
CA LEU B 27 -19.34 -5.08 13.94
C LEU B 27 -19.54 -3.64 13.48
N ARG B 28 -18.81 -3.25 12.43
CA ARG B 28 -18.96 -1.92 11.86
C ARG B 28 -20.40 -1.68 11.42
N LEU B 29 -21.01 -2.69 10.79
CA LEU B 29 -22.38 -2.59 10.30
C LEU B 29 -23.42 -2.60 11.42
N THR B 30 -23.01 -2.98 12.62
CA THR B 30 -23.89 -2.84 13.80
C THR B 30 -23.68 -1.50 14.47
N GLY B 31 -22.80 -0.68 13.89
CA GLY B 31 -22.56 0.67 14.39
C GLY B 31 -21.32 0.87 15.24
N ARG B 32 -20.74 -0.20 15.78
CA ARG B 32 -19.55 -0.11 16.64
C ARG B 32 -18.40 0.55 15.91
N ARG B 33 -17.55 1.23 16.67
N ARG B 33 -17.50 1.19 16.68
CA ARG B 33 -16.34 1.83 16.13
CA ARG B 33 -16.15 2.95 16.27
CA ARG B 33 -16.32 1.85 16.11
C ARG B 33 -15.21 0.85 16.38
C ARG B 33 -15.04 1.04 16.38
N VAL B 34 -14.52 0.43 15.32
CA VAL B 34 -13.43 -0.54 15.45
C VAL B 34 -12.10 0.14 15.72
N MET B 35 -11.46 -0.21 16.85
CA MET B 35 -10.18 0.37 17.20
C MET B 35 -9.12 -0.70 17.05
N LEU B 36 -7.98 -0.34 16.47
CA LEU B 36 -6.90 -1.34 16.33
C LEU B 36 -5.68 -0.92 17.13
N VAL B 37 -5.17 -1.85 17.92
CA VAL B 37 -3.90 -1.69 18.68
C VAL B 37 -2.92 -2.79 18.22
N PRO B 38 -1.99 -2.46 17.30
CA PRO B 38 -1.02 -3.48 16.87
C PRO B 38 0.10 -3.67 17.88
N THR B 39 0.43 -4.93 18.17
CA THR B 39 1.52 -5.24 19.10
C THR B 39 2.32 -6.43 18.57
N MET B 40 3.48 -6.64 19.15
CA MET B 40 4.22 -7.85 18.85
C MET B 40 4.18 -8.81 20.03
N GLY B 41 3.10 -8.72 20.81
CA GLY B 41 2.96 -9.56 21.99
C GLY B 41 3.99 -9.21 23.07
N ALA B 42 4.16 -10.11 24.04
CA ALA B 42 4.94 -9.83 25.25
C ALA B 42 4.47 -8.49 25.82
N LEU B 43 3.21 -8.47 26.23
CA LEU B 43 2.57 -7.20 26.50
C LEU B 43 3.08 -6.57 27.78
N HIS B 44 3.19 -5.25 27.75
CA HIS B 44 3.57 -4.48 28.92
C HIS B 44 2.70 -3.23 29.04
N GLU B 45 3.00 -2.43 30.04
CA GLU B 45 2.15 -1.30 30.40
C GLU B 45 1.99 -0.31 29.26
N GLY B 46 2.99 -0.23 28.40
CA GLY B 46 2.93 0.64 27.22
C GLY B 46 1.77 0.21 26.34
N HIS B 47 1.72 -1.07 26.03
CA HIS B 47 0.63 -1.62 25.22
C HIS B 47 -0.70 -1.40 25.91
N LEU B 48 -0.75 -1.59 27.22
CA LEU B 48 -2.03 -1.42 27.94
C LEU B 48 -2.55 0.02 27.89
N ALA B 49 -1.64 0.98 27.92
CA ALA B 49 -1.99 2.38 27.72
C ALA B 49 -2.65 2.59 26.35
N LEU B 50 -2.14 1.93 25.32
CA LEU B 50 -2.76 1.98 23.98
C LEU B 50 -4.18 1.42 24.04
N VAL B 51 -4.33 0.27 24.67
CA VAL B 51 -5.63 -0.37 24.85
C VAL B 51 -6.60 0.56 25.59
N ARG B 52 -6.13 1.18 26.68
CA ARG B 52 -7.04 2.03 27.45
C ARG B 52 -7.46 3.25 26.66
N ALA B 53 -6.54 3.77 25.85
CA ALA B 53 -6.87 4.91 24.99
C ALA B 53 -7.94 4.50 23.97
N ALA B 54 -7.78 3.32 23.38
CA ALA B 54 -8.77 2.82 22.44
C ALA B 54 -10.14 2.61 23.10
N LYS B 55 -10.14 2.12 24.34
CA LYS B 55 -11.41 1.83 25.01
C LYS B 55 -12.23 3.07 25.33
N ARG B 56 -11.54 4.20 25.50
CA ARG B 56 -12.20 5.44 25.87
C ARG B 56 -13.13 5.96 24.79
N VAL B 57 -12.89 5.55 23.54
CA VAL B 57 -13.71 6.03 22.42
C VAL B 57 -15.14 5.47 22.52
N PRO B 58 -16.17 6.33 22.58
CA PRO B 58 -17.53 5.80 22.71
C PRO B 58 -17.90 4.88 21.55
N GLY B 59 -18.54 3.76 21.90
CA GLY B 59 -18.94 2.76 20.91
C GLY B 59 -17.80 1.89 20.42
N SER B 60 -16.64 2.00 21.05
CA SER B 60 -15.45 1.24 20.62
C SER B 60 -15.61 -0.27 20.79
N VAL B 61 -15.08 -1.02 19.82
CA VAL B 61 -14.70 -2.41 20.03
C VAL B 61 -13.19 -2.43 19.74
N VAL B 62 -12.43 -3.02 20.65
CA VAL B 62 -10.97 -2.99 20.55
C VAL B 62 -10.44 -4.31 20.02
N VAL B 63 -9.65 -4.18 18.95
CA VAL B 63 -8.91 -5.29 18.34
C VAL B 63 -7.43 -5.11 18.68
N VAL B 64 -6.84 -6.09 19.36
CA VAL B 64 -5.40 -6.09 19.59
C VAL B 64 -4.83 -7.17 18.70
N SER B 65 -3.89 -6.78 17.84
CA SER B 65 -3.17 -7.77 17.07
C SER B 65 -1.88 -8.13 17.76
N ILE B 66 -1.55 -9.42 17.70
CA ILE B 66 -0.32 -9.93 18.26
C ILE B 66 0.35 -10.70 17.13
N PHE B 67 1.42 -10.13 16.60
CA PHE B 67 2.12 -10.74 15.47
C PHE B 67 3.58 -10.32 15.45
N VAL B 68 4.46 -11.31 15.52
CA VAL B 68 5.89 -11.06 15.37
C VAL B 68 6.23 -11.13 13.89
N ASN B 69 6.48 -9.95 13.33
CA ASN B 69 6.81 -9.80 11.94
C ASN B 69 8.26 -10.22 11.72
N PRO B 70 8.47 -11.32 10.98
CA PRO B 70 9.85 -11.70 10.66
C PRO B 70 10.51 -10.66 9.75
N MET B 71 9.68 -9.92 9.02
CA MET B 71 10.13 -8.93 8.02
C MET B 71 10.72 -7.65 8.63
N GLN B 72 10.37 -7.34 9.88
CA GLN B 72 10.93 -6.17 10.56
C GLN B 72 12.02 -6.59 11.56
N PRO B 83 10.70 -14.05 22.95
CA PRO B 83 9.88 -12.90 23.35
C PRO B 83 8.39 -13.12 23.00
N ARG B 84 7.86 -14.29 23.35
CA ARG B 84 6.47 -14.66 23.03
C ARG B 84 5.82 -15.41 24.20
N THR B 85 4.95 -14.71 24.94
CA THR B 85 4.23 -15.30 26.07
C THR B 85 2.70 -15.28 25.86
N PRO B 86 2.17 -16.26 25.11
CA PRO B 86 0.81 -16.20 24.55
C PRO B 86 -0.32 -16.10 25.57
N ASP B 87 -0.33 -17.00 26.56
CA ASP B 87 -1.44 -17.11 27.50
C ASP B 87 -1.56 -15.97 28.50
N ASP B 88 -0.41 -15.46 28.97
CA ASP B 88 -0.41 -14.29 29.84
C ASP B 88 -0.89 -13.04 29.07
N ASP B 89 -0.41 -12.89 27.83
CA ASP B 89 -0.86 -11.80 26.95
C ASP B 89 -2.39 -11.74 26.91
N LEU B 90 -3.00 -12.88 26.62
CA LEU B 90 -4.46 -12.95 26.48
C LEU B 90 -5.19 -12.65 27.79
N ALA B 91 -4.64 -13.15 28.89
CA ALA B 91 -5.17 -12.83 30.21
C ALA B 91 -5.17 -11.34 30.48
N GLN B 92 -4.07 -10.67 30.14
CA GLN B 92 -3.98 -9.20 30.31
C GLN B 92 -5.06 -8.49 29.51
N LEU B 93 -5.28 -8.94 28.27
CA LEU B 93 -6.28 -8.33 27.41
C LEU B 93 -7.70 -8.55 27.92
N ARG B 94 -7.98 -9.76 28.38
CA ARG B 94 -9.25 -10.08 29.04
C ARG B 94 -9.48 -9.14 30.22
N ALA B 95 -8.44 -8.96 31.03
CA ALA B 95 -8.50 -8.06 32.18
C ALA B 95 -8.77 -6.59 31.78
N GLU B 96 -8.40 -6.23 30.56
CA GLU B 96 -8.60 -4.86 30.07
C GLU B 96 -9.95 -4.69 29.37
N GLY B 97 -10.68 -5.79 29.19
CA GLY B 97 -11.97 -5.73 28.50
C GLY B 97 -11.88 -5.65 26.99
N VAL B 98 -10.76 -6.14 26.44
CA VAL B 98 -10.55 -6.20 24.99
C VAL B 98 -11.44 -7.31 24.43
N GLU B 99 -12.19 -7.03 23.36
CA GLU B 99 -13.10 -8.03 22.83
C GLU B 99 -12.56 -8.88 21.68
N ILE B 100 -11.47 -8.42 21.04
CA ILE B 100 -10.89 -9.17 19.95
C ILE B 100 -9.37 -9.18 20.01
N ALA B 101 -8.79 -10.38 19.97
CA ALA B 101 -7.37 -10.55 19.78
C ALA B 101 -7.17 -11.24 18.44
N PHE B 102 -6.25 -10.73 17.64
CA PHE B 102 -5.96 -11.28 16.31
C PHE B 102 -4.53 -11.82 16.39
N THR B 103 -4.41 -13.14 16.28
CA THR B 103 -3.14 -13.83 16.52
C THR B 103 -2.72 -14.73 15.34
N PRO B 104 -2.43 -14.13 14.18
CA PRO B 104 -2.15 -14.95 13.00
C PRO B 104 -0.75 -15.58 13.01
N THR B 105 -0.58 -16.65 12.24
CA THR B 105 0.75 -17.21 11.98
C THR B 105 1.46 -16.41 10.89
N THR B 106 2.77 -16.59 10.79
CA THR B 106 3.53 -16.01 9.70
C THR B 106 2.97 -16.45 8.35
N ALA B 107 2.65 -17.74 8.20
CA ALA B 107 2.08 -18.25 6.97
C ALA B 107 0.72 -17.62 6.64
N ALA B 108 -0.05 -17.29 7.67
CA ALA B 108 -1.37 -16.68 7.42
C ALA B 108 -1.22 -15.27 6.88
N MET B 109 -0.25 -14.55 7.42
CA MET B 109 0.00 -13.18 7.00
C MET B 109 0.70 -13.12 5.66
N TYR B 110 1.55 -14.11 5.41
CA TYR B 110 2.34 -14.15 4.18
C TYR B 110 2.13 -15.46 3.41
N PRO B 111 0.88 -15.74 2.97
CA PRO B 111 0.60 -17.03 2.32
C PRO B 111 1.33 -17.23 1.00
N ASP B 112 1.69 -16.13 0.36
CA ASP B 112 2.46 -16.19 -0.89
C ASP B 112 3.93 -15.80 -0.68
N GLY B 113 4.39 -15.82 0.56
CA GLY B 113 5.72 -15.35 0.91
C GLY B 113 5.88 -13.85 0.73
N LEU B 114 7.13 -13.37 0.79
CA LEU B 114 7.40 -11.96 0.56
CA LEU B 114 7.45 -11.98 0.56
C LEU B 114 7.31 -11.65 -0.92
N ARG B 115 6.42 -10.72 -1.26
CA ARG B 115 6.19 -10.42 -2.67
C ARG B 115 6.00 -8.91 -2.79
N THR B 116 4.75 -8.44 -2.84
CA THR B 116 4.52 -6.99 -2.87
C THR B 116 4.79 -6.44 -1.47
N THR B 117 5.54 -5.35 -1.39
CA THR B 117 5.83 -4.74 -0.10
C THR B 117 5.72 -3.22 -0.17
N VAL B 118 5.80 -2.57 0.99
CA VAL B 118 5.79 -1.12 1.05
C VAL B 118 7.24 -0.65 1.10
N GLN B 119 7.55 0.30 0.23
CA GLN B 119 8.84 0.97 0.24
CA GLN B 119 8.83 0.98 0.22
C GLN B 119 8.66 2.36 0.85
N PRO B 120 9.16 2.55 2.08
CA PRO B 120 9.05 3.87 2.68
C PRO B 120 9.84 4.94 1.95
N GLY B 121 9.53 6.19 2.26
CA GLY B 121 10.34 7.29 1.79
C GLY B 121 11.70 7.34 2.51
N PRO B 122 12.53 8.33 2.16
CA PRO B 122 13.92 8.48 2.63
C PRO B 122 14.08 8.57 4.15
N LEU B 123 13.02 9.00 4.84
CA LEU B 123 13.09 9.06 6.31
C LEU B 123 13.44 7.69 6.89
N ALA B 124 13.03 6.62 6.20
CA ALA B 124 13.27 5.27 6.71
C ALA B 124 14.75 4.89 6.72
N ALA B 125 15.59 5.63 5.99
CA ALA B 125 17.03 5.35 5.97
C ALA B 125 17.79 6.11 7.07
N GLU B 126 17.10 7.04 7.72
CA GLU B 126 17.70 7.88 8.76
C GLU B 126 17.52 7.26 10.14
N LEU B 127 18.30 7.76 11.11
CA LEU B 127 18.08 7.44 12.53
C LEU B 127 18.10 5.92 12.76
N GLU B 128 16.96 5.32 13.09
CA GLU B 128 16.92 3.86 13.32
C GLU B 128 17.24 3.08 12.05
N GLY B 129 17.01 3.70 10.90
CA GLY B 129 17.24 3.05 9.61
C GLY B 129 18.69 3.00 9.22
N GLY B 130 19.54 3.64 10.01
CA GLY B 130 21.00 3.55 9.86
C GLY B 130 21.49 2.13 10.06
N PRO B 131 21.39 1.59 11.29
CA PRO B 131 21.75 0.18 11.54
C PRO B 131 20.80 -0.84 10.89
N ARG B 132 19.58 -0.44 10.57
CA ARG B 132 18.56 -1.38 10.06
C ARG B 132 17.79 -0.80 8.88
N PRO B 133 18.45 -0.75 7.70
CA PRO B 133 17.90 -0.10 6.51
C PRO B 133 16.59 -0.67 5.94
N THR B 134 16.23 -1.90 6.31
CA THR B 134 14.97 -2.52 5.84
C THR B 134 13.91 -2.65 6.93
N HIS B 135 14.24 -2.18 8.14
CA HIS B 135 13.35 -2.32 9.28
C HIS B 135 11.97 -1.71 9.02
N PHE B 136 11.97 -0.46 8.58
CA PHE B 136 10.69 0.23 8.43
C PHE B 136 9.85 -0.27 7.26
N ALA B 137 10.49 -0.73 6.19
CA ALA B 137 9.77 -1.44 5.13
C ALA B 137 8.93 -2.57 5.71
N GLY B 138 9.54 -3.36 6.61
CA GLY B 138 8.82 -4.44 7.27
C GLY B 138 7.65 -3.97 8.11
N VAL B 139 7.90 -2.96 8.93
CA VAL B 139 6.87 -2.41 9.79
C VAL B 139 5.71 -1.84 8.95
N LEU B 140 6.00 -1.06 7.91
CA LEU B 140 4.92 -0.41 7.17
C LEU B 140 4.15 -1.46 6.36
N THR B 141 4.86 -2.50 5.91
CA THR B 141 4.16 -3.57 5.18
C THR B 141 3.14 -4.30 6.07
N VAL B 142 3.58 -4.70 7.27
CA VAL B 142 2.65 -5.38 8.15
CA VAL B 142 2.68 -5.36 8.21
C VAL B 142 1.55 -4.44 8.65
N VAL B 143 1.89 -3.16 8.91
CA VAL B 143 0.86 -2.22 9.36
C VAL B 143 -0.19 -2.01 8.28
N LEU B 144 0.25 -1.87 7.04
CA LEU B 144 -0.69 -1.74 5.94
C LEU B 144 -1.65 -2.93 5.89
N LYS B 145 -1.09 -4.13 5.96
CA LYS B 145 -1.89 -5.36 5.92
C LYS B 145 -2.89 -5.41 7.07
N LEU B 146 -2.43 -5.09 8.30
CA LEU B 146 -3.35 -5.12 9.45
C LEU B 146 -4.49 -4.13 9.26
N LEU B 147 -4.14 -2.96 8.73
CA LEU B 147 -5.14 -1.95 8.46
C LEU B 147 -6.17 -2.41 7.45
N GLN B 148 -5.74 -3.17 6.46
CA GLN B 148 -6.68 -3.64 5.45
C GLN B 148 -7.51 -4.79 5.95
N ILE B 149 -6.92 -5.64 6.78
CA ILE B 149 -7.65 -6.79 7.32
CA ILE B 149 -7.72 -6.78 7.23
C ILE B 149 -8.73 -6.33 8.28
N VAL B 150 -8.34 -5.46 9.20
CA VAL B 150 -9.23 -5.01 10.28
C VAL B 150 -10.13 -3.82 9.91
N ARG B 151 -9.62 -2.95 9.04
CA ARG B 151 -10.34 -1.73 8.63
CA ARG B 151 -10.33 -1.73 8.62
C ARG B 151 -10.86 -0.96 9.86
N PRO B 152 -9.93 -0.57 10.74
CA PRO B 152 -10.34 0.15 11.93
C PRO B 152 -10.65 1.60 11.63
N ASP B 153 -11.44 2.21 12.50
CA ASP B 153 -11.67 3.63 12.39
C ASP B 153 -10.46 4.42 12.88
N ARG B 154 -9.79 3.89 13.90
CA ARG B 154 -8.57 4.50 14.45
C ARG B 154 -7.59 3.40 14.80
N VAL B 155 -6.31 3.74 14.69
CA VAL B 155 -5.24 2.81 15.03
C VAL B 155 -4.30 3.53 16.00
N PHE B 156 -3.86 2.82 17.04
CA PHE B 156 -3.14 3.43 18.15
C PHE B 156 -1.70 2.95 18.20
N PHE B 157 -0.79 3.92 18.31
CA PHE B 157 0.65 3.64 18.42
C PHE B 157 1.25 4.45 19.53
N GLY B 158 2.29 3.94 20.16
CA GLY B 158 2.99 4.71 21.18
C GLY B 158 3.88 5.76 20.55
N GLU B 159 4.11 6.82 21.28
CA GLU B 159 5.06 7.83 20.86
C GLU B 159 6.50 7.39 21.07
N LYS B 160 6.66 6.28 21.79
CA LYS B 160 7.95 5.63 22.07
CA LYS B 160 8.02 5.82 22.07
C LYS B 160 8.78 5.49 20.78
N ASP B 161 8.17 4.78 19.83
CA ASP B 161 8.80 4.55 18.53
C ASP B 161 8.34 5.70 17.62
N TYR B 162 8.93 6.86 17.85
CA TYR B 162 8.42 8.09 17.24
C TYR B 162 8.64 8.09 15.73
N GLN B 163 9.83 7.66 15.30
CA GLN B 163 10.10 7.61 13.87
C GLN B 163 9.11 6.66 13.17
N GLN B 164 8.87 5.51 13.77
CA GLN B 164 7.83 4.60 13.30
C GLN B 164 6.49 5.31 13.13
N LEU B 165 6.08 6.05 14.15
CA LEU B 165 4.80 6.76 14.14
C LEU B 165 4.73 7.77 12.98
N VAL B 166 5.83 8.49 12.78
CA VAL B 166 5.87 9.48 11.69
C VAL B 166 5.78 8.77 10.33
N LEU B 167 6.49 7.65 10.21
CA LEU B 167 6.44 6.89 8.97
C LEU B 167 5.05 6.33 8.70
N ILE B 168 4.37 5.90 9.76
N ILE B 168 4.35 5.91 9.75
CA ILE B 168 2.98 5.44 9.63
CA ILE B 168 2.96 5.41 9.60
C ILE B 168 2.10 6.57 9.11
C ILE B 168 2.00 6.55 9.20
N ARG B 169 2.26 7.76 9.69
CA ARG B 169 1.50 8.92 9.22
C ARG B 169 1.82 9.20 7.74
N GLN B 170 3.08 9.00 7.33
CA GLN B 170 3.41 9.13 5.90
C GLN B 170 2.70 8.06 5.06
N LEU B 171 2.71 6.82 5.53
CA LEU B 171 1.96 5.74 4.87
C LEU B 171 0.50 6.11 4.64
N VAL B 172 -0.14 6.58 5.71
CA VAL B 172 -1.56 6.91 5.66
C VAL B 172 -1.83 8.05 4.68
N ALA B 173 -1.01 9.08 4.72
CA ALA B 173 -1.18 10.23 3.83
C ALA B 173 -0.92 9.79 2.38
N ASP B 174 0.17 9.06 2.18
CA ASP B 174 0.65 8.75 0.82
C ASP B 174 -0.22 7.78 0.07
N PHE B 175 -0.84 6.86 0.81
CA PHE B 175 -1.68 5.84 0.20
C PHE B 175 -3.17 6.15 0.40
N ASN B 176 -3.46 7.36 0.90
CA ASN B 176 -4.84 7.84 1.04
C ASN B 176 -5.68 6.94 1.92
N LEU B 177 -5.07 6.38 2.98
CA LEU B 177 -5.83 5.50 3.91
C LEU B 177 -6.84 6.27 4.76
N ASP B 178 -8.00 5.68 5.02
CA ASP B 178 -9.02 6.47 5.70
CA ASP B 178 -9.13 6.31 5.71
C ASP B 178 -8.96 6.47 7.23
N VAL B 179 -8.04 5.71 7.78
CA VAL B 179 -7.90 5.54 9.21
C VAL B 179 -7.35 6.79 9.90
N ALA B 180 -7.76 7.02 11.17
CA ALA B 180 -7.14 8.04 11.99
C ALA B 180 -6.02 7.42 12.81
N VAL B 181 -4.82 8.01 12.73
CA VAL B 181 -3.66 7.51 13.48
C VAL B 181 -3.57 8.28 14.78
N VAL B 182 -3.56 7.54 15.88
CA VAL B 182 -3.51 8.15 17.21
C VAL B 182 -2.20 7.79 17.89
N GLY B 183 -1.40 8.81 18.18
CA GLY B 183 -0.17 8.59 18.95
C GLY B 183 -0.46 8.82 20.44
N VAL B 184 0.01 7.89 21.25
CA VAL B 184 -0.27 7.90 22.70
C VAL B 184 1.04 8.20 23.44
N PRO B 185 1.03 9.17 24.35
CA PRO B 185 2.23 9.51 25.12
C PRO B 185 2.88 8.32 25.78
N THR B 186 4.21 8.30 25.74
CA THR B 186 5.00 7.18 26.23
C THR B 186 4.79 6.93 27.73
N VAL B 187 4.43 5.69 28.06
CA VAL B 187 4.42 5.25 29.46
C VAL B 187 5.85 5.11 29.96
N ARG B 188 6.08 5.56 31.19
CA ARG B 188 7.43 5.54 31.77
C ARG B 188 7.44 4.89 33.15
N GLU B 189 8.58 4.30 33.48
CA GLU B 189 8.84 3.84 34.85
CA GLU B 189 8.80 3.82 34.84
C GLU B 189 8.92 5.04 35.79
N ALA B 190 8.92 4.78 37.10
CA ALA B 190 8.91 5.85 38.10
C ALA B 190 10.01 6.91 37.95
N ASP B 191 11.19 6.49 37.48
CA ASP B 191 12.31 7.41 37.30
C ASP B 191 12.38 8.04 35.92
N GLY B 192 11.40 7.73 35.06
CA GLY B 192 11.33 8.28 33.71
C GLY B 192 11.71 7.37 32.56
N LEU B 193 12.33 6.22 32.84
CA LEU B 193 12.76 5.30 31.79
C LEU B 193 11.57 4.84 30.96
N ALA B 194 11.66 5.04 29.65
CA ALA B 194 10.56 4.69 28.76
C ALA B 194 10.30 3.17 28.84
N MET B 195 9.03 2.78 28.92
CA MET B 195 8.71 1.33 28.99
C MET B 195 9.19 0.55 27.78
N SER B 196 9.74 -0.64 28.03
CA SER B 196 10.28 -1.52 27.02
C SER B 196 10.52 -2.89 27.64
N SER B 197 10.21 -3.93 26.88
CA SER B 197 10.54 -5.27 27.33
C SER B 197 12.06 -5.48 27.47
N ARG B 198 12.85 -4.59 26.88
CA ARG B 198 14.33 -4.69 26.98
C ARG B 198 14.87 -4.20 28.33
N ASN B 199 14.07 -3.45 29.08
CA ASN B 199 14.57 -2.83 30.30
C ASN B 199 15.03 -3.86 31.33
N ARG B 200 14.31 -4.97 31.40
CA ARG B 200 14.66 -6.07 32.34
C ARG B 200 15.99 -6.77 32.05
N TYR B 201 16.54 -6.55 30.86
CA TYR B 201 17.83 -7.15 30.50
C TYR B 201 19.01 -6.38 31.08
N LEU B 202 18.77 -5.16 31.51
CA LEU B 202 19.84 -4.31 32.02
C LEU B 202 20.26 -4.76 33.42
N ASP B 203 21.57 -4.87 33.63
CA ASP B 203 22.04 -5.11 35.00
C ASP B 203 21.88 -3.85 35.86
N PRO B 204 22.07 -3.95 37.20
CA PRO B 204 21.80 -2.76 38.00
C PRO B 204 22.56 -1.49 37.60
N ALA B 205 23.83 -1.63 37.20
CA ALA B 205 24.62 -0.47 36.79
C ALA B 205 24.03 0.13 35.51
N GLN B 206 23.69 -0.75 34.57
CA GLN B 206 23.09 -0.33 33.30
C GLN B 206 21.73 0.31 33.51
N ARG B 207 20.93 -0.30 34.40
CA ARG B 207 19.58 0.20 34.66
C ARG B 207 19.66 1.58 35.30
N ALA B 208 20.63 1.79 36.17
CA ALA B 208 20.84 3.13 36.73
C ALA B 208 21.26 4.12 35.66
N ALA B 209 22.21 3.73 34.82
CA ALA B 209 22.72 4.61 33.77
C ALA B 209 21.62 4.97 32.76
N ALA B 210 20.71 4.03 32.54
CA ALA B 210 19.65 4.17 31.54
C ALA B 210 18.72 5.35 31.77
N VAL B 211 18.59 5.78 33.03
N VAL B 211 18.63 5.78 33.03
CA VAL B 211 17.75 6.95 33.32
CA VAL B 211 17.85 6.96 33.44
C VAL B 211 18.29 8.18 32.58
C VAL B 211 18.34 8.21 32.73
N ALA B 212 19.59 8.20 32.27
CA ALA B 212 20.17 9.36 31.55
C ALA B 212 19.45 9.71 30.26
N LEU B 213 18.85 8.74 29.56
CA LEU B 213 18.14 9.10 28.32
C LEU B 213 16.96 10.03 28.59
N SER B 214 16.07 9.62 29.49
CA SER B 214 14.89 10.43 29.80
C SER B 214 15.28 11.72 30.52
N ALA B 215 16.27 11.63 31.40
CA ALA B 215 16.76 12.82 32.11
C ALA B 215 17.34 13.86 31.14
N ALA B 216 18.09 13.38 30.15
CA ALA B 216 18.69 14.26 29.14
C ALA B 216 17.58 14.95 28.38
N LEU B 217 16.55 14.20 28.01
CA LEU B 217 15.49 14.77 27.17
C LEU B 217 14.61 15.77 27.91
N THR B 218 14.25 15.44 29.13
CA THR B 218 13.47 16.35 29.97
CA THR B 218 13.45 16.36 29.94
C THR B 218 14.27 17.60 30.29
N ALA B 219 15.56 17.44 30.55
CA ALA B 219 16.43 18.60 30.77
C ALA B 219 16.41 19.49 29.53
N ALA B 220 16.56 18.89 28.35
CA ALA B 220 16.55 19.64 27.09
C ALA B 220 15.24 20.39 26.90
N ALA B 221 14.12 19.74 27.22
CA ALA B 221 12.81 20.37 27.03
C ALA B 221 12.68 21.65 27.85
N HIS B 222 13.28 21.65 29.04
CA HIS B 222 13.23 22.82 29.91
C HIS B 222 14.32 23.85 29.60
N ALA B 223 15.47 23.36 29.12
CA ALA B 223 16.54 24.24 28.67
C ALA B 223 16.15 25.04 27.43
N ALA B 224 15.15 24.53 26.70
CA ALA B 224 14.77 25.06 25.38
C ALA B 224 14.29 26.51 25.39
N THR B 225 13.91 27.01 26.55
CA THR B 225 13.62 28.45 26.66
C THR B 225 14.84 29.28 26.27
N ALA B 226 16.04 28.71 26.42
CA ALA B 226 17.29 29.37 26.08
C ALA B 226 17.77 29.04 24.66
N GLY B 227 16.93 28.33 23.90
CA GLY B 227 17.21 28.05 22.48
C GLY B 227 17.65 26.63 22.17
N ALA B 228 17.74 26.34 20.88
CA ALA B 228 18.01 24.96 20.42
C ALA B 228 19.35 24.44 20.86
N GLN B 229 20.38 25.30 20.78
CA GLN B 229 21.71 24.85 21.14
C GLN B 229 21.76 24.53 22.63
N ALA B 230 21.13 25.39 23.45
CA ALA B 230 21.10 25.14 24.90
C ALA B 230 20.42 23.82 25.20
N ALA B 231 19.35 23.52 24.48
CA ALA B 231 18.62 22.26 24.68
C ALA B 231 19.51 21.07 24.34
N LEU B 232 20.13 21.11 23.16
CA LEU B 232 21.02 20.03 22.72
C LEU B 232 22.19 19.84 23.68
N ASP B 233 22.82 20.95 24.08
CA ASP B 233 23.98 20.86 24.95
C ASP B 233 23.59 20.32 26.32
N ALA B 234 22.41 20.70 26.83
CA ALA B 234 21.92 20.16 28.12
C ALA B 234 21.74 18.66 28.01
N ALA B 235 21.11 18.19 26.93
CA ALA B 235 20.90 16.75 26.78
C ALA B 235 22.24 16.03 26.67
N ARG B 236 23.17 16.57 25.87
CA ARG B 236 24.48 15.93 25.74
C ARG B 236 25.20 15.86 27.09
N ALA B 237 25.10 16.92 27.88
CA ALA B 237 25.75 16.97 29.19
C ALA B 237 25.24 15.86 30.09
N VAL B 238 23.93 15.62 30.07
CA VAL B 238 23.33 14.58 30.90
C VAL B 238 23.79 13.20 30.44
N LEU B 239 23.77 12.95 29.13
CA LEU B 239 24.25 11.67 28.61
C LEU B 239 25.73 11.51 28.93
N ASP B 240 26.49 12.60 28.89
CA ASP B 240 27.95 12.56 29.15
C ASP B 240 28.27 12.24 30.62
N ALA B 241 27.26 12.34 31.50
CA ALA B 241 27.45 12.07 32.92
C ALA B 241 27.21 10.57 33.25
N ALA B 242 26.78 9.81 32.24
CA ALA B 242 26.45 8.39 32.41
C ALA B 242 27.59 7.47 31.89
N PRO B 243 27.95 6.46 32.69
CA PRO B 243 28.97 5.51 32.21
C PRO B 243 28.31 4.41 31.37
N GLY B 244 29.03 3.92 30.38
CA GLY B 244 28.56 2.79 29.55
C GLY B 244 27.32 3.04 28.71
N VAL B 245 27.12 4.30 28.34
CA VAL B 245 25.98 4.67 27.48
C VAL B 245 26.54 5.15 26.15
N ALA B 246 26.52 4.29 25.14
CA ALA B 246 27.10 4.62 23.86
C ALA B 246 26.03 5.25 23.00
N VAL B 247 26.09 6.56 22.83
CA VAL B 247 25.03 7.25 22.11
C VAL B 247 25.18 7.05 20.61
N ASP B 248 24.12 6.56 19.97
CA ASP B 248 24.16 6.39 18.52
C ASP B 248 23.76 7.67 17.80
N TYR B 249 22.73 8.35 18.31
CA TYR B 249 22.38 9.68 17.82
C TYR B 249 21.63 10.46 18.90
N LEU B 250 21.70 11.77 18.79
CA LEU B 250 20.94 12.71 19.58
C LEU B 250 20.61 13.83 18.59
N GLU B 251 19.35 13.90 18.17
CA GLU B 251 19.00 14.79 17.08
CA GLU B 251 18.96 14.74 17.04
C GLU B 251 17.71 15.53 17.36
N LEU B 252 17.75 16.84 17.10
CA LEU B 252 16.60 17.70 17.23
C LEU B 252 16.07 17.95 15.82
N ARG B 253 14.82 17.56 15.61
CA ARG B 253 14.18 17.66 14.30
C ARG B 253 12.83 18.35 14.43
N ASP B 254 12.23 18.71 13.30
CA ASP B 254 10.85 19.19 13.39
CA ASP B 254 10.85 19.15 13.26
C ASP B 254 9.95 18.00 13.72
N ILE B 255 8.68 18.28 14.02
CA ILE B 255 7.78 17.21 14.49
C ILE B 255 7.57 16.10 13.45
N GLY B 256 7.74 16.43 12.16
CA GLY B 256 7.66 15.44 11.08
C GLY B 256 9.00 14.83 10.72
N LEU B 257 10.00 15.14 11.55
CA LEU B 257 11.40 14.63 11.42
C LEU B 257 12.22 15.20 10.25
N GLY B 258 11.70 16.26 9.64
CA GLY B 258 12.55 17.10 8.78
C GLY B 258 13.43 18.00 9.64
N PRO B 259 14.16 18.93 9.00
CA PRO B 259 15.04 19.88 9.69
C PRO B 259 14.27 20.71 10.69
N MET B 260 14.86 20.87 11.87
CA MET B 260 14.28 21.74 12.89
C MET B 260 14.19 23.18 12.37
N PRO B 261 12.99 23.79 12.45
CA PRO B 261 12.89 25.20 12.08
C PRO B 261 13.50 26.13 13.14
N LEU B 262 13.75 27.40 12.78
CA LEU B 262 14.42 28.34 13.67
C LEU B 262 13.76 28.46 15.06
N ASN B 263 12.44 28.55 15.09
CA ASN B 263 11.69 28.38 16.32
C ASN B 263 10.49 27.48 16.07
N GLY B 264 9.61 27.35 17.06
CA GLY B 264 8.45 26.49 16.93
C GLY B 264 8.68 25.11 17.54
N SER B 265 7.87 24.14 17.12
CA SER B 265 7.81 22.84 17.75
C SER B 265 8.77 21.86 17.08
N GLY B 266 9.35 20.98 17.88
CA GLY B 266 10.24 19.98 17.34
C GLY B 266 10.18 18.74 18.20
N ARG B 267 11.06 17.81 17.88
CA ARG B 267 11.17 16.58 18.65
C ARG B 267 12.64 16.28 18.79
N LEU B 268 13.04 15.91 20.01
CA LEU B 268 14.40 15.48 20.29
C LEU B 268 14.40 13.98 20.50
N LEU B 269 15.25 13.31 19.72
CA LEU B 269 15.30 11.86 19.71
C LEU B 269 16.70 11.42 20.08
N VAL B 270 16.76 10.34 20.85
CA VAL B 270 18.03 9.77 21.26
C VAL B 270 17.98 8.22 21.14
N ALA B 271 19.11 7.62 20.79
CA ALA B 271 19.25 6.18 20.85
C ALA B 271 20.62 5.88 21.38
N ALA B 272 20.69 4.85 22.22
CA ALA B 272 21.94 4.46 22.83
C ALA B 272 22.03 2.97 23.11
N ARG B 273 23.26 2.47 23.11
CA ARG B 273 23.50 1.08 23.47
CA ARG B 273 23.54 1.08 23.45
C ARG B 273 24.12 0.99 24.85
N LEU B 274 23.56 0.10 25.66
CA LEU B 274 24.09 -0.16 26.99
C LEU B 274 24.39 -1.65 27.03
N GLY B 275 25.67 -2.00 27.01
CA GLY B 275 26.06 -3.41 26.83
C GLY B 275 25.57 -3.83 25.46
N THR B 276 24.71 -4.82 25.40
CA THR B 276 24.12 -5.26 24.12
C THR B 276 22.67 -4.77 23.88
N THR B 277 22.16 -3.96 24.81
CA THR B 277 20.77 -3.52 24.76
C THR B 277 20.66 -2.12 24.17
N ARG B 278 19.80 -1.98 23.16
CA ARG B 278 19.60 -0.68 22.53
C ARG B 278 18.34 -0.06 23.09
N LEU B 279 18.47 1.18 23.58
CA LEU B 279 17.35 1.94 24.12
C LEU B 279 17.08 3.18 23.29
N LEU B 280 15.81 3.54 23.21
CA LEU B 280 15.39 4.75 22.47
C LEU B 280 14.55 5.60 23.39
N ASP B 281 14.57 6.90 23.15
CA ASP B 281 13.65 7.83 23.80
C ASP B 281 13.49 9.07 22.93
N ASN B 282 12.42 9.81 23.19
CA ASN B 282 12.20 11.07 22.46
C ASN B 282 11.26 11.95 23.26
N ILE B 283 11.27 13.25 22.96
CA ILE B 283 10.43 14.18 23.69
C ILE B 283 10.05 15.36 22.82
N ALA B 284 8.88 15.93 23.10
CA ALA B 284 8.49 17.19 22.50
C ALA B 284 9.41 18.32 22.96
N ILE B 285 9.75 19.21 22.04
CA ILE B 285 10.58 20.40 22.32
C ILE B 285 9.89 21.63 21.69
N GLU B 286 9.82 22.71 22.45
CA GLU B 286 9.31 23.98 21.92
C GLU B 286 10.42 25.01 22.08
N ILE B 287 10.85 25.60 20.97
CA ILE B 287 12.03 26.49 21.00
C ILE B 287 11.75 27.92 21.45
N GLY B 288 12.34 28.30 22.59
CA GLY B 288 12.24 29.64 23.14
C GLY B 288 11.22 29.78 24.27
#